data_9D5H
#
_entry.id   9D5H
#
_cell.length_a   44.154
_cell.length_b   118.355
_cell.length_c   47.452
_cell.angle_alpha   90.000
_cell.angle_beta   100.820
_cell.angle_gamma   90.000
#
_symmetry.space_group_name_H-M   'P 1 21 1'
#
loop_
_entity.id
_entity.type
_entity.pdbx_description
1 polymer 'Integrin-linked protein kinase'
2 polymer Alpha-parvin
3 non-polymer Gefitinib
4 non-polymer 2-[3-(2-HYDROXY-1,1-DIHYDROXYMETHYL-ETHYLAMINO)-PROPYLAMINO]-2-HYDROXYMETHYL-PROPANE-1,3-DIOL
5 water water
#
loop_
_entity_poly.entity_id
_entity_poly.type
_entity_poly.pdbx_seq_one_letter_code
_entity_poly.pdbx_strand_id
1 'polypeptide(L)'
;MNKHSGIDFKQLNFLTKLNENHSGELWKGRWQGNDIVVKVLKVRDWSTRKSRDFNEECPRLRIFSHPNVLPVLGACQSPP
APHPTLITHWMPYGSLYNVLHEGTNFVVDQSQAVKFALDMARGMAFLHTLEPLIPRHALNSRSVMIDEDMTARISMADVK
FSFQSPGRMYAPAWVAPEALQKKPEDTNRQSADMWSFAVLLWELVTREVPFADLSNMEIGMKVALEGLRPTIPPGISPHV
SKLMKICMNEDPAKRPKFDMIVPILEKMQDK
;
A
2 'polypeptide(L)'
;GSHMDAFDTLFDHAPDKLNVVKKTLITFVNKHLNKLNLEVTELETQFADGVYLVLLMGLLEGYFVPLHSFFLTPDSFEQK
VLNVSFAFELMQDGGLEKPKPRPEDIVNCDLKSTLRVLYNLFTKYRNVE
;
B
#
loop_
_chem_comp.id
_chem_comp.type
_chem_comp.name
_chem_comp.formula
B3P non-polymer 2-[3-(2-HYDROXY-1,1-DIHYDROXYMETHYL-ETHYLAMINO)-PROPYLAMINO]-2-HYDROXYMETHYL-PROPANE-1,3-DIOL 'C11 H26 N2 O6'
IRE non-polymer Gefitinib 'C22 H24 Cl F N4 O3'
#
# COMPACT_ATOMS: atom_id res chain seq x y z
N MET A 1 33.98 11.18 1.48
CA MET A 1 34.46 9.86 1.10
C MET A 1 33.32 8.86 0.94
N ASN A 2 32.07 9.33 0.98
CA ASN A 2 30.95 8.47 0.64
C ASN A 2 31.00 8.10 -0.84
N LYS A 3 30.45 6.93 -1.17
CA LYS A 3 30.48 6.46 -2.57
C LYS A 3 29.56 7.31 -3.45
N HIS A 4 28.44 7.78 -2.90
CA HIS A 4 27.50 8.66 -3.59
C HIS A 4 27.20 9.85 -2.71
N SER A 5 27.13 11.04 -3.31
CA SER A 5 26.58 12.19 -2.61
C SER A 5 25.09 12.39 -2.87
N GLY A 6 24.56 11.69 -3.86
CA GLY A 6 23.18 11.87 -4.24
C GLY A 6 23.00 13.16 -5.03
N ILE A 7 21.75 13.45 -5.31
CA ILE A 7 21.41 14.69 -6.02
C ILE A 7 21.34 15.83 -5.02
N ASP A 8 21.88 16.99 -5.42
CA ASP A 8 21.82 18.19 -4.59
C ASP A 8 20.41 18.75 -4.59
N PHE A 9 19.77 18.75 -3.41
CA PHE A 9 18.41 19.28 -3.27
C PHE A 9 18.32 20.72 -3.78
N LYS A 10 19.40 21.49 -3.62
CA LYS A 10 19.39 22.88 -4.02
C LYS A 10 19.31 23.05 -5.53
N GLN A 11 19.62 22.01 -6.30
CA GLN A 11 19.54 22.09 -7.76
C GLN A 11 18.18 21.73 -8.31
N LEU A 12 17.22 21.36 -7.46
CA LEU A 12 15.89 21.04 -7.94
C LEU A 12 15.08 22.30 -8.14
N ASN A 13 14.44 22.41 -9.29
CA ASN A 13 13.46 23.43 -9.58
C ASN A 13 12.08 22.83 -9.37
N PHE A 14 11.42 23.20 -8.27
CA PHE A 14 10.07 22.75 -8.01
C PHE A 14 9.10 23.65 -8.75
N LEU A 15 8.27 23.07 -9.62
CA LEU A 15 7.36 23.86 -10.44
C LEU A 15 5.93 23.83 -9.93
N THR A 16 5.35 22.65 -9.76
CA THR A 16 3.94 22.56 -9.44
C THR A 16 3.70 21.29 -8.63
N LYS A 17 2.93 21.41 -7.56
CA LYS A 17 2.64 20.25 -6.73
C LYS A 17 1.56 19.41 -7.41
N LEU A 18 1.79 18.09 -7.43
CA LEU A 18 0.89 17.15 -8.07
C LEU A 18 -0.02 16.42 -7.11
N ASN A 19 0.44 16.13 -5.89
CA ASN A 19 -0.31 15.33 -4.94
C ASN A 19 0.33 15.47 -3.57
N GLU A 20 -0.48 15.21 -2.53
CA GLU A 20 0.07 15.02 -1.20
C GLU A 20 -0.78 13.96 -0.53
N ASN A 21 -0.12 13.07 0.20
CA ASN A 21 -0.88 12.07 0.94
C ASN A 21 -0.01 11.56 2.08
N HIS A 22 -0.40 10.41 2.64
CA HIS A 22 0.26 9.86 3.82
C HIS A 22 1.74 9.62 3.61
N SER A 23 2.15 9.37 2.37
CA SER A 23 3.52 8.96 2.08
C SER A 23 4.40 10.13 1.74
N GLY A 24 3.84 11.31 1.50
CA GLY A 24 4.65 12.45 1.14
C GLY A 24 3.98 13.28 0.05
N GLU A 25 4.80 14.08 -0.64
CA GLU A 25 4.31 15.02 -1.65
C GLU A 25 4.98 14.74 -2.98
N LEU A 26 4.23 14.88 -4.08
CA LEU A 26 4.77 14.75 -5.43
C LEU A 26 4.74 16.10 -6.11
N TRP A 27 5.85 16.47 -6.74
CA TRP A 27 5.97 17.71 -7.48
C TRP A 27 6.45 17.43 -8.89
N LYS A 28 5.95 18.17 -9.86
CA LYS A 28 6.63 18.25 -11.15
C LYS A 28 7.72 19.30 -11.06
N GLY A 29 8.86 19.01 -11.67
CA GLY A 29 9.96 19.97 -11.61
C GLY A 29 10.95 19.76 -12.72
N ARG A 30 12.11 20.39 -12.54
CA ARG A 30 13.23 20.31 -13.49
C ARG A 30 14.53 20.14 -12.73
N TRP A 31 15.44 19.37 -13.33
CA TRP A 31 16.78 19.16 -12.75
C TRP A 31 17.73 18.81 -13.88
N GLN A 32 18.79 19.60 -14.05
CA GLN A 32 19.84 19.36 -15.04
C GLN A 32 19.28 19.05 -16.43
N GLY A 33 18.34 19.89 -16.85
CA GLY A 33 17.76 19.77 -18.18
C GLY A 33 16.72 18.68 -18.35
N ASN A 34 16.34 18.02 -17.26
CA ASN A 34 15.34 16.95 -17.29
C ASN A 34 14.01 17.45 -16.73
N ASP A 35 12.92 17.03 -17.37
CA ASP A 35 11.60 17.15 -16.73
C ASP A 35 11.43 15.99 -15.75
N ILE A 36 11.17 16.30 -14.48
CA ILE A 36 11.21 15.29 -13.43
C ILE A 36 9.95 15.34 -12.58
N VAL A 37 9.76 14.27 -11.83
CA VAL A 37 8.86 14.27 -10.69
C VAL A 37 9.72 14.09 -9.45
N VAL A 38 9.41 14.84 -8.40
CA VAL A 38 10.10 14.80 -7.12
C VAL A 38 9.12 14.26 -6.09
N LYS A 39 9.53 13.23 -5.34
CA LYS A 39 8.73 12.80 -4.20
C LYS A 39 9.48 13.16 -2.92
N VAL A 40 8.87 14.03 -2.12
CA VAL A 40 9.40 14.38 -0.81
C VAL A 40 8.73 13.43 0.19
N LEU A 41 9.52 12.58 0.83
CA LEU A 41 8.94 11.52 1.64
C LEU A 41 8.57 12.02 3.04
N LYS A 42 7.40 11.55 3.51
CA LYS A 42 6.93 11.79 4.87
C LYS A 42 7.30 10.58 5.70
N VAL A 43 8.11 10.78 6.75
CA VAL A 43 8.56 9.69 7.61
C VAL A 43 8.47 10.14 9.06
N ARG A 44 7.77 9.36 9.88
CA ARG A 44 7.72 9.67 11.30
C ARG A 44 8.96 9.11 11.99
N ASP A 45 9.51 9.89 12.92
CA ASP A 45 10.69 9.49 13.70
C ASP A 45 11.86 9.17 12.79
N TRP A 46 12.16 10.11 11.91
CA TRP A 46 13.36 10.03 11.09
C TRP A 46 14.56 9.96 12.01
N SER A 47 15.57 9.21 11.59
CA SER A 47 16.72 8.95 12.43
C SER A 47 17.93 8.78 11.55
N THR A 48 19.11 8.82 12.17
CA THR A 48 20.33 8.59 11.38
C THR A 48 20.34 7.19 10.80
N ARG A 49 19.80 6.22 11.54
CA ARG A 49 19.73 4.85 11.05
C ARG A 49 18.88 4.77 9.79
N LYS A 50 17.69 5.36 9.83
CA LYS A 50 16.81 5.33 8.66
C LYS A 50 17.43 6.09 7.50
N SER A 51 18.12 7.19 7.79
CA SER A 51 18.78 7.95 6.73
C SER A 51 19.89 7.14 6.08
N ARG A 52 20.73 6.48 6.90
CA ARG A 52 21.72 5.56 6.37
C ARG A 52 21.07 4.49 5.49
N ASP A 53 19.96 3.92 5.95
CA ASP A 53 19.27 2.87 5.20
C ASP A 53 18.74 3.40 3.87
N PHE A 54 18.09 4.56 3.91
CA PHE A 54 17.63 5.21 2.67
C PHE A 54 18.79 5.34 1.69
N ASN A 55 19.95 5.81 2.17
CA ASN A 55 21.06 6.05 1.25
C ASN A 55 21.69 4.75 0.72
N GLU A 56 21.55 3.63 1.44
CA GLU A 56 22.00 2.34 0.93
C GLU A 56 20.99 1.72 -0.04
N GLU A 57 19.71 2.03 0.14
CA GLU A 57 18.66 1.40 -0.65
C GLU A 57 18.42 2.12 -1.96
N CYS A 58 18.63 3.44 -2.01
CA CYS A 58 18.36 4.17 -3.25
C CYS A 58 19.27 3.80 -4.43
N PRO A 59 20.55 3.53 -4.26
CA PRO A 59 21.38 3.23 -5.45
C PRO A 59 20.89 2.03 -6.23
N ARG A 60 20.27 1.05 -5.55
CA ARG A 60 19.74 -0.13 -6.21
C ARG A 60 18.61 0.19 -7.19
N LEU A 61 17.98 1.34 -7.03
CA LEU A 61 16.84 1.72 -7.85
C LEU A 61 17.24 2.44 -9.13
N ARG A 62 18.52 2.74 -9.29
CA ARG A 62 19.00 3.49 -10.44
C ARG A 62 19.33 2.50 -11.56
N ILE A 63 18.26 1.94 -12.14
CA ILE A 63 18.36 0.87 -13.14
C ILE A 63 18.15 1.47 -14.52
N PHE A 64 19.22 1.56 -15.31
CA PHE A 64 19.17 2.22 -16.61
C PHE A 64 19.26 1.24 -17.78
N SER A 65 19.19 -0.07 -17.51
CA SER A 65 19.55 -1.07 -18.50
C SER A 65 18.36 -1.81 -19.11
N HIS A 66 17.13 -1.39 -18.85
CA HIS A 66 15.99 -2.10 -19.44
C HIS A 66 14.87 -1.11 -19.80
N PRO A 67 14.33 -1.18 -21.00
CA PRO A 67 13.33 -0.20 -21.42
C PRO A 67 12.05 -0.24 -20.60
N ASN A 68 11.72 -1.37 -19.99
CA ASN A 68 10.48 -1.48 -19.24
C ASN A 68 10.69 -1.33 -17.74
N VAL A 69 11.81 -0.72 -17.34
CA VAL A 69 12.07 -0.33 -15.96
C VAL A 69 12.37 1.17 -15.96
N LEU A 70 11.62 1.93 -15.13
CA LEU A 70 11.86 3.36 -14.98
C LEU A 70 12.76 3.58 -13.78
N PRO A 71 14.00 4.04 -13.96
CA PRO A 71 14.90 4.22 -12.83
C PRO A 71 14.50 5.39 -11.95
N VAL A 72 14.91 5.31 -10.68
CA VAL A 72 15.12 6.52 -9.91
C VAL A 72 16.36 7.20 -10.47
N LEU A 73 16.22 8.48 -10.85
CA LEU A 73 17.38 9.18 -11.36
C LEU A 73 18.39 9.41 -10.25
N GLY A 74 17.90 9.67 -9.05
CA GLY A 74 18.74 9.87 -7.90
C GLY A 74 17.87 10.27 -6.74
N ALA A 75 18.53 10.51 -5.61
CA ALA A 75 17.85 10.78 -4.36
C ALA A 75 18.63 11.84 -3.62
N CYS A 76 17.91 12.63 -2.83
CA CYS A 76 18.52 13.64 -1.98
C CYS A 76 18.65 13.08 -0.56
N GLN A 77 19.89 13.01 -0.09
CA GLN A 77 20.14 12.50 1.24
C GLN A 77 19.77 13.55 2.28
N SER A 78 19.19 13.09 3.37
CA SER A 78 18.65 13.97 4.42
C SER A 78 19.18 13.51 5.76
N PRO A 79 20.13 14.23 6.38
CA PRO A 79 20.77 15.48 5.93
C PRO A 79 21.69 15.26 4.74
N PRO A 80 22.05 16.31 3.99
CA PRO A 80 21.76 17.73 4.23
C PRO A 80 20.40 18.20 3.70
N ALA A 81 19.69 17.43 2.87
CA ALA A 81 18.40 17.88 2.37
C ALA A 81 17.36 17.96 3.50
N PRO A 82 16.34 18.80 3.35
CA PRO A 82 15.32 18.90 4.41
C PRO A 82 14.59 17.60 4.70
N HIS A 83 14.34 16.78 3.68
CA HIS A 83 13.61 15.53 3.83
C HIS A 83 14.19 14.54 2.85
N PRO A 84 14.09 13.24 3.11
CA PRO A 84 14.50 12.26 2.09
C PRO A 84 13.62 12.41 0.86
N THR A 85 14.25 12.43 -0.32
CA THR A 85 13.62 12.85 -1.56
C THR A 85 14.06 11.95 -2.70
N LEU A 86 13.12 11.55 -3.56
CA LEU A 86 13.38 10.74 -4.76
C LEU A 86 13.07 11.55 -6.00
N ILE A 87 13.81 11.34 -7.08
CA ILE A 87 13.58 12.00 -8.35
C ILE A 87 13.53 10.96 -9.45
N THR A 88 12.55 11.10 -10.35
CA THR A 88 12.50 10.28 -11.56
C THR A 88 12.07 11.15 -12.73
N HIS A 89 12.19 10.60 -13.93
CA HIS A 89 11.70 11.32 -15.11
C HIS A 89 10.19 11.43 -15.10
N TRP A 90 9.71 12.58 -15.61
CA TRP A 90 8.27 12.80 -15.77
C TRP A 90 7.74 11.93 -16.89
N MET A 91 6.73 11.12 -16.57
CA MET A 91 6.15 10.23 -17.56
C MET A 91 4.85 10.85 -18.02
N PRO A 92 4.75 11.29 -19.28
CA PRO A 92 3.66 12.21 -19.64
C PRO A 92 2.28 11.63 -19.46
N TYR A 93 2.10 10.33 -19.62
CA TYR A 93 0.76 9.76 -19.46
C TYR A 93 0.46 9.37 -18.03
N GLY A 94 1.42 9.48 -17.12
CA GLY A 94 1.17 9.08 -15.76
C GLY A 94 1.16 7.57 -15.59
N SER A 95 0.45 7.10 -14.58
CA SER A 95 0.48 5.68 -14.28
C SER A 95 -0.44 4.89 -15.20
N LEU A 96 -0.19 3.58 -15.25
CA LEU A 96 -1.14 2.71 -15.93
C LEU A 96 -2.54 2.88 -15.36
N TYR A 97 -2.65 3.04 -14.04
CA TYR A 97 -3.96 3.28 -13.42
C TYR A 97 -4.62 4.51 -14.02
N ASN A 98 -3.86 5.61 -14.12
CA ASN A 98 -4.37 6.84 -14.73
C ASN A 98 -4.86 6.59 -16.15
N VAL A 99 -4.06 5.86 -16.93
CA VAL A 99 -4.40 5.68 -18.34
C VAL A 99 -5.63 4.79 -18.51
N LEU A 100 -5.76 3.77 -17.67
CA LEU A 100 -6.88 2.85 -17.82
C LEU A 100 -8.17 3.39 -17.21
N HIS A 101 -8.08 4.09 -16.09
CA HIS A 101 -9.26 4.41 -15.28
C HIS A 101 -9.59 5.88 -15.19
N GLU A 102 -8.66 6.77 -15.52
CA GLU A 102 -8.92 8.19 -15.43
C GLU A 102 -8.67 8.87 -16.77
N GLY A 103 -8.70 8.10 -17.86
CA GLY A 103 -8.37 8.61 -19.17
C GLY A 103 -9.54 9.32 -19.82
N THR A 104 -9.48 10.65 -19.87
CA THR A 104 -10.59 11.45 -20.32
C THR A 104 -10.54 11.76 -21.81
N ASN A 105 -9.43 11.46 -22.47
CA ASN A 105 -9.22 11.85 -23.86
C ASN A 105 -9.37 10.70 -24.83
N PHE A 106 -9.11 9.47 -24.38
CA PHE A 106 -9.05 8.32 -25.28
C PHE A 106 -9.09 7.05 -24.45
N VAL A 107 -9.52 5.97 -25.09
CA VAL A 107 -9.54 4.65 -24.46
C VAL A 107 -8.52 3.80 -25.20
N VAL A 108 -7.50 3.32 -24.47
CA VAL A 108 -6.50 2.50 -25.15
C VAL A 108 -7.13 1.21 -25.64
N ASP A 109 -6.72 0.79 -26.84
CA ASP A 109 -7.35 -0.38 -27.43
C ASP A 109 -6.70 -1.66 -26.91
N GLN A 110 -7.25 -2.80 -27.30
CA GLN A 110 -6.76 -4.02 -26.70
C GLN A 110 -5.38 -4.40 -27.24
N SER A 111 -5.04 -4.01 -28.47
CA SER A 111 -3.67 -4.20 -28.92
C SER A 111 -2.69 -3.46 -28.03
N GLN A 112 -3.04 -2.23 -27.63
CA GLN A 112 -2.18 -1.50 -26.71
C GLN A 112 -2.13 -2.17 -25.35
N ALA A 113 -3.27 -2.70 -24.90
CA ALA A 113 -3.32 -3.38 -23.60
C ALA A 113 -2.41 -4.61 -23.59
N VAL A 114 -2.43 -5.40 -24.68
CA VAL A 114 -1.56 -6.57 -24.77
C VAL A 114 -0.09 -6.14 -24.75
N LYS A 115 0.23 -5.02 -25.42
CA LYS A 115 1.59 -4.49 -25.39
C LYS A 115 1.97 -4.04 -23.99
N PHE A 116 1.04 -3.40 -23.27
CA PHE A 116 1.31 -3.08 -21.88
C PHE A 116 1.64 -4.33 -21.07
N ALA A 117 0.88 -5.41 -21.27
CA ALA A 117 1.11 -6.64 -20.54
C ALA A 117 2.50 -7.19 -20.87
N LEU A 118 2.86 -7.20 -22.15
CA LEU A 118 4.19 -7.68 -22.53
C LEU A 118 5.28 -6.83 -21.93
N ASP A 119 5.14 -5.50 -22.03
CA ASP A 119 6.10 -4.56 -21.43
C ASP A 119 6.32 -4.87 -19.96
N MET A 120 5.21 -5.00 -19.21
CA MET A 120 5.31 -5.28 -17.78
C MET A 120 5.95 -6.62 -17.51
N ALA A 121 5.61 -7.66 -18.28
CA ALA A 121 6.20 -8.98 -18.09
C ALA A 121 7.69 -8.95 -18.35
N ARG A 122 8.12 -8.21 -19.39
CA ARG A 122 9.55 -8.10 -19.67
C ARG A 122 10.28 -7.35 -18.56
N GLY A 123 9.70 -6.25 -18.08
CA GLY A 123 10.35 -5.53 -16.98
C GLY A 123 10.45 -6.37 -15.72
N MET A 124 9.40 -7.14 -15.40
CA MET A 124 9.45 -7.94 -14.18
C MET A 124 10.40 -9.12 -14.33
N ALA A 125 10.46 -9.71 -15.52
CA ALA A 125 11.43 -10.77 -15.74
C ALA A 125 12.85 -10.24 -15.51
N PHE A 126 13.13 -9.05 -16.03
CA PHE A 126 14.44 -8.46 -15.81
C PHE A 126 14.69 -8.23 -14.33
N LEU A 127 13.72 -7.64 -13.63
CA LEU A 127 13.94 -7.37 -12.21
C LEU A 127 14.25 -8.65 -11.44
N HIS A 128 13.65 -9.77 -11.83
CA HIS A 128 13.89 -11.03 -11.14
C HIS A 128 15.17 -11.74 -11.57
N THR A 129 15.98 -11.13 -12.44
CA THR A 129 17.34 -11.58 -12.68
C THR A 129 18.34 -10.91 -11.76
N LEU A 130 17.93 -9.89 -11.01
CA LEU A 130 18.83 -9.15 -10.16
C LEU A 130 19.06 -9.87 -8.83
N GLU A 131 20.27 -9.76 -8.32
CA GLU A 131 20.67 -10.47 -7.11
C GLU A 131 21.30 -9.49 -6.12
N PRO A 132 20.72 -9.31 -4.93
CA PRO A 132 19.46 -9.89 -4.47
C PRO A 132 18.28 -9.16 -5.09
N LEU A 133 17.06 -9.60 -4.87
CA LEU A 133 15.90 -8.87 -5.35
C LEU A 133 15.85 -7.49 -4.69
N ILE A 134 15.35 -6.51 -5.44
CA ILE A 134 15.10 -5.16 -4.92
C ILE A 134 14.04 -5.26 -3.83
N PRO A 135 14.36 -5.04 -2.55
CA PRO A 135 13.35 -5.26 -1.49
C PRO A 135 12.12 -4.39 -1.68
N ARG A 136 10.94 -5.03 -1.54
CA ARG A 136 9.66 -4.34 -1.33
C ARG A 136 9.22 -3.49 -2.52
N HIS A 137 9.04 -4.11 -3.69
CA HIS A 137 8.29 -3.48 -4.77
C HIS A 137 6.95 -4.20 -4.94
N ALA A 138 5.87 -3.46 -4.77
CA ALA A 138 4.54 -4.00 -4.95
C ALA A 138 4.06 -3.65 -6.36
N LEU A 139 3.81 -4.67 -7.17
CA LEU A 139 3.34 -4.45 -8.53
C LEU A 139 1.83 -4.21 -8.54
N ASN A 140 1.43 -3.08 -9.10
CA ASN A 140 0.02 -2.76 -9.29
C ASN A 140 -0.04 -1.70 -10.38
N SER A 141 -1.26 -1.30 -10.74
CA SER A 141 -1.34 -0.35 -11.87
C SER A 141 -0.88 1.06 -11.51
N ARG A 142 -0.82 1.41 -10.21
CA ARG A 142 -0.28 2.70 -9.86
C ARG A 142 1.26 2.73 -9.87
N SER A 143 1.91 1.57 -9.83
CA SER A 143 3.37 1.51 -9.79
C SER A 143 3.95 1.10 -11.13
N VAL A 144 3.19 1.25 -12.19
CA VAL A 144 3.66 1.13 -13.56
C VAL A 144 3.37 2.45 -14.25
N MET A 145 4.35 3.00 -14.95
CA MET A 145 4.23 4.31 -15.60
C MET A 145 4.21 4.16 -17.11
N ILE A 146 3.54 5.09 -17.77
CA ILE A 146 3.39 5.06 -19.22
C ILE A 146 4.15 6.25 -19.82
N ASP A 147 5.18 5.95 -20.61
CA ASP A 147 6.11 6.95 -21.13
C ASP A 147 5.55 7.59 -22.39
N GLU A 148 6.35 8.49 -22.97
CA GLU A 148 5.88 9.35 -24.05
C GLU A 148 5.49 8.57 -25.30
N ASP A 149 6.12 7.41 -25.54
CA ASP A 149 5.78 6.56 -26.66
C ASP A 149 4.82 5.43 -26.28
N MET A 150 4.12 5.56 -25.15
CA MET A 150 3.19 4.56 -24.61
C MET A 150 3.87 3.31 -24.06
N THR A 151 5.19 3.31 -23.87
CA THR A 151 5.87 2.15 -23.29
C THR A 151 5.56 2.08 -21.80
N ALA A 152 5.15 0.89 -21.34
CA ALA A 152 4.92 0.70 -19.91
C ALA A 152 6.23 0.36 -19.21
N ARG A 153 6.43 0.95 -18.04
CA ARG A 153 7.70 0.84 -17.32
C ARG A 153 7.42 0.64 -15.84
N ILE A 154 8.06 -0.37 -15.24
CA ILE A 154 7.94 -0.58 -13.79
C ILE A 154 8.61 0.58 -13.07
N SER A 155 7.88 1.22 -12.15
CA SER A 155 8.39 2.41 -11.47
C SER A 155 9.26 2.02 -10.26
N MET A 156 10.59 2.18 -10.37
CA MET A 156 11.40 1.92 -9.18
C MET A 156 11.22 2.94 -8.07
N ALA A 157 10.75 4.14 -8.39
CA ALA A 157 10.51 5.12 -7.31
C ALA A 157 9.39 4.71 -6.38
N ASP A 158 8.58 3.71 -6.74
CA ASP A 158 7.44 3.33 -5.93
C ASP A 158 7.74 2.15 -5.01
N VAL A 159 9.01 1.80 -4.84
CA VAL A 159 9.34 0.78 -3.87
C VAL A 159 9.04 1.28 -2.46
N LYS A 160 8.88 0.32 -1.58
CA LYS A 160 8.72 0.69 -0.16
C LYS A 160 10.09 0.50 0.50
N PHE A 161 10.56 1.53 1.18
CA PHE A 161 11.82 1.45 1.89
C PHE A 161 11.62 0.73 3.21
N SER A 162 12.75 0.37 3.84
CA SER A 162 12.70 -0.36 5.11
C SER A 162 12.01 0.44 6.20
N PHE A 163 12.07 1.77 6.17
CA PHE A 163 11.50 2.58 7.24
C PHE A 163 10.04 2.96 7.00
N GLN A 164 9.48 2.57 5.86
CA GLN A 164 8.08 2.84 5.56
C GLN A 164 7.24 1.67 6.10
N SER A 165 6.19 2.01 6.84
CA SER A 165 5.48 1.06 7.71
C SER A 165 5.02 -0.19 6.97
N PRO A 166 5.58 -1.37 7.32
CA PRO A 166 5.12 -2.61 6.68
C PRO A 166 3.69 -3.00 7.07
N GLY A 167 3.14 -2.41 8.12
CA GLY A 167 1.82 -2.73 8.61
C GLY A 167 0.66 -2.03 7.93
N ARG A 168 0.90 -1.22 6.91
CA ARG A 168 -0.17 -0.49 6.22
C ARG A 168 -0.06 -0.76 4.73
N MET A 169 -1.05 -1.47 4.19
CA MET A 169 -1.11 -1.87 2.78
C MET A 169 -2.20 -1.12 2.05
N TYR A 170 -1.83 -0.33 1.04
CA TYR A 170 -2.78 0.57 0.41
C TYR A 170 -3.33 0.12 -0.95
N ALA A 171 -2.81 -0.97 -1.50
CA ALA A 171 -3.34 -1.52 -2.75
C ALA A 171 -3.48 -3.03 -2.63
N PRO A 172 -4.21 -3.51 -1.62
CA PRO A 172 -4.28 -4.96 -1.40
C PRO A 172 -4.93 -5.74 -2.54
N ALA A 173 -5.70 -5.09 -3.42
CA ALA A 173 -6.41 -5.86 -4.45
C ALA A 173 -5.47 -6.57 -5.40
N TRP A 174 -4.23 -6.09 -5.50
CA TRP A 174 -3.23 -6.69 -6.38
C TRP A 174 -2.31 -7.68 -5.67
N VAL A 175 -2.45 -7.86 -4.37
CA VAL A 175 -1.53 -8.66 -3.57
C VAL A 175 -1.99 -10.11 -3.48
N ALA A 176 -1.05 -11.04 -3.65
CA ALA A 176 -1.36 -12.46 -3.55
C ALA A 176 -1.90 -12.80 -2.15
N PRO A 177 -2.82 -13.78 -2.07
CA PRO A 177 -3.39 -14.11 -0.75
C PRO A 177 -2.32 -14.46 0.28
N GLU A 178 -1.28 -15.19 -0.12
CA GLU A 178 -0.26 -15.53 0.87
C GLU A 178 0.52 -14.31 1.34
N ALA A 179 0.66 -13.28 0.50
CA ALA A 179 1.38 -12.08 0.86
C ALA A 179 0.55 -11.13 1.70
N LEU A 180 -0.77 -11.35 1.79
CA LEU A 180 -1.59 -10.62 2.76
C LEU A 180 -1.42 -11.16 4.16
N GLN A 181 -0.84 -12.36 4.30
CA GLN A 181 -0.83 -13.08 5.56
C GLN A 181 0.55 -13.41 6.09
N LYS A 182 1.54 -13.58 5.22
CA LYS A 182 2.85 -14.05 5.64
C LYS A 182 3.89 -12.96 5.42
N LYS A 183 4.93 -13.03 6.23
CA LYS A 183 6.03 -12.07 6.08
C LYS A 183 6.69 -12.31 4.71
N PRO A 184 7.20 -11.25 4.08
CA PRO A 184 7.85 -11.43 2.77
C PRO A 184 8.95 -12.49 2.77
N GLU A 185 9.68 -12.64 3.87
CA GLU A 185 10.71 -13.67 3.96
C GLU A 185 10.15 -15.08 3.82
N ASP A 186 8.88 -15.28 4.13
CA ASP A 186 8.27 -16.60 4.05
C ASP A 186 7.47 -16.81 2.78
N THR A 187 7.55 -15.88 1.84
CA THR A 187 6.85 -15.98 0.56
C THR A 187 7.86 -15.95 -0.57
N ASN A 188 7.55 -16.68 -1.63
CA ASN A 188 8.33 -16.60 -2.85
C ASN A 188 7.90 -15.33 -3.59
N ARG A 189 8.85 -14.40 -3.75
CA ARG A 189 8.50 -13.08 -4.24
C ARG A 189 8.02 -13.11 -5.69
N GLN A 190 8.68 -13.89 -6.55
CA GLN A 190 8.25 -13.91 -7.94
C GLN A 190 6.85 -14.52 -8.09
N SER A 191 6.53 -15.54 -7.30
CA SER A 191 5.17 -16.07 -7.37
C SER A 191 4.15 -15.05 -6.90
N ALA A 192 4.48 -14.30 -5.84
CA ALA A 192 3.57 -13.26 -5.36
C ALA A 192 3.40 -12.18 -6.42
N ASP A 193 4.51 -11.76 -7.06
CA ASP A 193 4.41 -10.79 -8.15
C ASP A 193 3.59 -11.31 -9.31
N MET A 194 3.66 -12.62 -9.60
CA MET A 194 2.84 -13.14 -10.71
C MET A 194 1.35 -13.05 -10.43
N TRP A 195 0.94 -13.19 -9.17
CA TRP A 195 -0.46 -12.94 -8.83
C TRP A 195 -0.84 -11.50 -9.15
N SER A 196 0.02 -10.57 -8.76
CA SER A 196 -0.23 -9.17 -9.07
C SER A 196 -0.37 -8.97 -10.56
N PHE A 197 0.50 -9.63 -11.34
CA PHE A 197 0.40 -9.53 -12.79
C PHE A 197 -0.93 -10.07 -13.29
N ALA A 198 -1.39 -11.19 -12.72
CA ALA A 198 -2.71 -11.72 -13.09
C ALA A 198 -3.81 -10.70 -12.84
N VAL A 199 -3.74 -9.96 -11.74
CA VAL A 199 -4.74 -8.94 -11.46
C VAL A 199 -4.63 -7.79 -12.47
N LEU A 200 -3.39 -7.45 -12.87
CA LEU A 200 -3.20 -6.50 -13.96
C LEU A 200 -3.83 -6.99 -15.26
N LEU A 201 -3.67 -8.28 -15.58
CA LEU A 201 -4.37 -8.83 -16.75
C LEU A 201 -5.87 -8.65 -16.62
N TRP A 202 -6.42 -8.96 -15.43
CA TRP A 202 -7.85 -8.77 -15.21
C TRP A 202 -8.26 -7.32 -15.43
N GLU A 203 -7.45 -6.40 -14.92
CA GLU A 203 -7.70 -4.97 -15.05
C GLU A 203 -7.66 -4.55 -16.52
N LEU A 204 -6.71 -5.09 -17.29
CA LEU A 204 -6.62 -4.78 -18.72
C LEU A 204 -7.80 -5.35 -19.49
N VAL A 205 -8.33 -6.48 -19.04
CA VAL A 205 -9.47 -7.11 -19.70
C VAL A 205 -10.77 -6.37 -19.37
N THR A 206 -11.01 -6.05 -18.09
CA THR A 206 -12.28 -5.46 -17.69
C THR A 206 -12.31 -3.93 -17.75
N ARG A 207 -11.15 -3.28 -17.73
CA ARG A 207 -11.08 -1.83 -17.59
C ARG A 207 -11.88 -1.36 -16.38
N GLU A 208 -11.76 -2.13 -15.30
CA GLU A 208 -12.35 -1.82 -14.01
C GLU A 208 -11.27 -1.90 -12.95
N VAL A 209 -11.41 -1.09 -11.91
CA VAL A 209 -10.52 -1.24 -10.73
C VAL A 209 -10.94 -2.48 -9.95
N PRO A 210 -10.03 -3.42 -9.66
CA PRO A 210 -10.44 -4.63 -8.94
C PRO A 210 -11.00 -4.29 -7.56
N PHE A 211 -12.16 -4.87 -7.26
CA PHE A 211 -12.83 -4.69 -5.96
C PHE A 211 -13.08 -3.22 -5.64
N ALA A 212 -13.44 -2.43 -6.67
CA ALA A 212 -13.57 -0.99 -6.49
C ALA A 212 -14.63 -0.63 -5.45
N ASP A 213 -15.62 -1.50 -5.26
CA ASP A 213 -16.72 -1.21 -4.34
C ASP A 213 -16.36 -1.46 -2.89
N LEU A 214 -15.14 -1.87 -2.58
CA LEU A 214 -14.73 -2.24 -1.23
C LEU A 214 -13.57 -1.38 -0.77
N SER A 215 -13.53 -1.12 0.55
CA SER A 215 -12.37 -0.48 1.16
C SER A 215 -11.18 -1.45 1.17
N ASN A 216 -9.99 -0.87 1.32
CA ASN A 216 -8.76 -1.67 1.35
C ASN A 216 -8.81 -2.70 2.48
N MET A 217 -9.27 -2.31 3.66
CA MET A 217 -9.40 -3.31 4.72
C MET A 217 -10.37 -4.44 4.38
N GLU A 218 -11.53 -4.12 3.81
CA GLU A 218 -12.43 -5.18 3.37
C GLU A 218 -11.74 -6.10 2.35
N ILE A 219 -11.03 -5.52 1.39
CA ILE A 219 -10.37 -6.33 0.36
C ILE A 219 -9.38 -7.30 0.99
N GLY A 220 -8.45 -6.78 1.79
CA GLY A 220 -7.43 -7.62 2.37
C GLY A 220 -8.01 -8.74 3.23
N MET A 221 -8.94 -8.40 4.12
CA MET A 221 -9.52 -9.45 4.97
C MET A 221 -10.33 -10.46 4.18
N LYS A 222 -11.06 -10.04 3.15
CA LYS A 222 -11.88 -11.01 2.43
C LYS A 222 -11.04 -11.87 1.49
N VAL A 223 -10.01 -11.30 0.86
CA VAL A 223 -9.14 -12.12 0.03
C VAL A 223 -8.34 -13.11 0.88
N ALA A 224 -7.85 -12.66 2.04
CA ALA A 224 -7.00 -13.52 2.87
C ALA A 224 -7.81 -14.62 3.55
N LEU A 225 -9.01 -14.30 4.04
CA LEU A 225 -9.72 -15.16 4.96
C LEU A 225 -11.04 -15.72 4.42
N GLU A 226 -11.61 -15.14 3.36
CA GLU A 226 -12.91 -15.54 2.84
C GLU A 226 -12.86 -15.97 1.39
N GLY A 227 -11.67 -16.08 0.80
CA GLY A 227 -11.57 -16.56 -0.56
C GLY A 227 -12.05 -15.63 -1.65
N LEU A 228 -12.09 -14.33 -1.40
CA LEU A 228 -12.55 -13.40 -2.43
C LEU A 228 -11.54 -13.33 -3.56
N ARG A 229 -12.02 -13.52 -4.78
CA ARG A 229 -11.18 -13.49 -5.97
C ARG A 229 -11.85 -12.69 -7.06
N PRO A 230 -11.08 -12.15 -8.01
CA PRO A 230 -11.68 -11.49 -9.17
C PRO A 230 -12.54 -12.46 -9.98
N THR A 231 -13.67 -11.96 -10.47
CA THR A 231 -14.51 -12.81 -11.30
C THR A 231 -13.96 -12.81 -12.72
N ILE A 232 -13.66 -13.99 -13.24
CA ILE A 232 -13.12 -14.09 -14.60
C ILE A 232 -14.18 -13.61 -15.58
N PRO A 233 -13.85 -12.67 -16.46
CA PRO A 233 -14.90 -11.98 -17.22
C PRO A 233 -15.51 -12.90 -18.26
N PRO A 234 -16.77 -12.68 -18.62
CA PRO A 234 -17.38 -13.49 -19.67
C PRO A 234 -17.00 -12.96 -21.05
N GLY A 235 -16.94 -13.89 -22.01
CA GLY A 235 -16.76 -13.52 -23.39
C GLY A 235 -15.35 -13.10 -23.77
N ILE A 236 -14.34 -13.55 -23.04
CA ILE A 236 -12.96 -13.34 -23.43
C ILE A 236 -12.44 -14.62 -24.07
N SER A 237 -11.36 -14.51 -24.82
CA SER A 237 -10.87 -15.67 -25.56
C SER A 237 -10.42 -16.75 -24.57
N PRO A 238 -10.49 -18.02 -24.96
CA PRO A 238 -9.99 -19.07 -24.08
C PRO A 238 -8.51 -18.92 -23.75
N HIS A 239 -7.74 -18.34 -24.66
CA HIS A 239 -6.29 -18.22 -24.44
C HIS A 239 -6.00 -17.17 -23.35
N VAL A 240 -6.76 -16.09 -23.36
CA VAL A 240 -6.57 -15.09 -22.32
C VAL A 240 -7.09 -15.61 -20.99
N SER A 241 -8.23 -16.32 -21.01
CA SER A 241 -8.74 -16.93 -19.79
C SER A 241 -7.71 -17.90 -19.21
N LYS A 242 -7.10 -18.73 -20.05
CA LYS A 242 -6.15 -19.73 -19.57
C LYS A 242 -4.92 -19.06 -18.97
N LEU A 243 -4.44 -18.00 -19.61
CA LEU A 243 -3.27 -17.31 -19.08
C LEU A 243 -3.58 -16.66 -17.75
N MET A 244 -4.73 -16.01 -17.64
CA MET A 244 -5.11 -15.40 -16.37
C MET A 244 -5.22 -16.44 -15.27
N LYS A 245 -5.77 -17.62 -15.58
CA LYS A 245 -5.95 -18.62 -14.54
C LYS A 245 -4.62 -19.21 -14.09
N ILE A 246 -3.68 -19.45 -15.01
CA ILE A 246 -2.41 -20.02 -14.55
C ILE A 246 -1.62 -18.99 -13.75
N CYS A 247 -1.69 -17.72 -14.14
CA CYS A 247 -0.97 -16.70 -13.39
C CYS A 247 -1.57 -16.46 -12.01
N MET A 248 -2.86 -16.75 -11.85
CA MET A 248 -3.57 -16.57 -10.58
C MET A 248 -3.80 -17.91 -9.87
N ASN A 249 -2.92 -18.88 -10.08
CA ASN A 249 -3.07 -20.18 -9.43
C ASN A 249 -3.05 -20.02 -7.91
N GLU A 250 -3.95 -20.75 -7.24
CA GLU A 250 -3.98 -20.68 -5.78
C GLU A 250 -2.66 -21.14 -5.16
N ASP A 251 -2.00 -22.13 -5.77
CA ASP A 251 -0.69 -22.58 -5.30
C ASP A 251 0.40 -21.69 -5.87
N PRO A 252 1.10 -20.92 -5.04
CA PRO A 252 2.18 -20.07 -5.57
C PRO A 252 3.19 -20.82 -6.42
N ALA A 253 3.50 -22.08 -6.04
CA ALA A 253 4.52 -22.83 -6.74
C ALA A 253 4.13 -23.20 -8.16
N LYS A 254 2.84 -23.18 -8.48
CA LYS A 254 2.38 -23.52 -9.82
C LYS A 254 2.24 -22.31 -10.71
N ARG A 255 2.46 -21.11 -10.18
CA ARG A 255 2.39 -19.94 -11.05
C ARG A 255 3.65 -19.87 -11.89
N PRO A 256 3.54 -19.44 -13.15
CA PRO A 256 4.72 -19.37 -14.02
C PRO A 256 5.65 -18.23 -13.59
N LYS A 257 6.89 -18.33 -14.05
CA LYS A 257 7.80 -17.21 -13.96
C LYS A 257 7.52 -16.22 -15.08
N PHE A 258 7.95 -14.96 -14.87
CA PHE A 258 7.73 -13.94 -15.89
C PHE A 258 8.37 -14.32 -17.20
N ASP A 259 9.57 -14.91 -17.15
CA ASP A 259 10.25 -15.23 -18.40
C ASP A 259 9.54 -16.36 -19.14
N MET A 260 8.65 -17.09 -18.50
CA MET A 260 7.89 -18.08 -19.23
C MET A 260 6.65 -17.47 -19.87
N ILE A 261 6.07 -16.39 -19.31
CA ILE A 261 4.91 -15.81 -19.98
C ILE A 261 5.27 -14.73 -21.01
N VAL A 262 6.49 -14.23 -21.00
CA VAL A 262 6.93 -13.31 -22.06
C VAL A 262 6.71 -13.90 -23.45
N PRO A 263 7.19 -15.10 -23.79
CA PRO A 263 6.92 -15.61 -25.15
C PRO A 263 5.45 -15.81 -25.45
N ILE A 264 4.63 -16.15 -24.45
CA ILE A 264 3.18 -16.26 -24.65
C ILE A 264 2.61 -14.93 -25.09
N LEU A 265 2.97 -13.86 -24.37
CA LEU A 265 2.49 -12.52 -24.69
C LEU A 265 3.05 -12.01 -26.01
N GLU A 266 4.28 -12.40 -26.35
CA GLU A 266 4.85 -12.01 -27.63
C GLU A 266 4.01 -12.52 -28.78
N LYS A 267 3.55 -13.77 -28.68
CA LYS A 267 2.74 -14.35 -29.75
C LYS A 267 1.35 -13.74 -29.81
N MET A 268 0.92 -13.09 -28.73
CA MET A 268 -0.39 -12.45 -28.67
C MET A 268 -0.39 -11.06 -29.31
N GLN A 269 0.78 -10.52 -29.62
CA GLN A 269 0.87 -9.18 -30.20
C GLN A 269 0.25 -9.16 -31.59
N ASP A 270 -0.35 -8.00 -31.94
CA ASP A 270 -0.98 -7.82 -33.24
C ASP A 270 -0.48 -6.58 -33.99
N LYS A 271 0.41 -5.79 -33.40
CA LYS A 271 0.63 -4.40 -33.85
C LYS A 271 1.35 -4.30 -35.20
N ALA B 6 -11.02 17.67 30.28
CA ALA B 6 -11.86 17.41 29.11
C ALA B 6 -12.64 16.11 29.28
N PHE B 7 -11.92 15.01 29.49
CA PHE B 7 -12.52 13.71 29.70
C PHE B 7 -12.72 13.40 31.18
N ASP B 8 -12.44 14.35 32.07
CA ASP B 8 -12.73 14.18 33.49
C ASP B 8 -14.21 14.41 33.78
N THR B 9 -14.79 15.44 33.15
CA THR B 9 -16.20 15.75 33.35
C THR B 9 -17.10 14.80 32.57
N LEU B 10 -16.73 14.49 31.33
CA LEU B 10 -17.51 13.55 30.53
C LEU B 10 -17.59 12.17 31.20
N PHE B 11 -16.63 11.84 32.06
CA PHE B 11 -16.61 10.57 32.78
C PHE B 11 -17.31 10.66 34.14
N ASP B 12 -16.82 11.55 35.00
CA ASP B 12 -17.18 11.52 36.42
C ASP B 12 -18.59 12.07 36.67
N HIS B 13 -18.74 13.39 36.59
CA HIS B 13 -19.90 14.08 37.14
C HIS B 13 -20.93 14.40 36.06
N ALA B 14 -21.44 13.32 35.47
CA ALA B 14 -22.57 13.29 34.55
C ALA B 14 -22.84 11.85 34.16
N PRO B 15 -23.21 10.98 35.12
CA PRO B 15 -23.24 9.54 34.83
C PRO B 15 -24.15 9.18 33.67
N ASP B 16 -25.28 9.89 33.52
CA ASP B 16 -26.14 9.66 32.37
C ASP B 16 -25.54 10.22 31.08
N LYS B 17 -24.64 11.20 31.17
CA LYS B 17 -23.98 11.71 29.98
C LYS B 17 -22.82 10.83 29.53
N LEU B 18 -22.17 10.13 30.47
CA LEU B 18 -21.26 9.05 30.10
C LEU B 18 -21.95 8.04 29.19
N ASN B 19 -23.17 7.65 29.55
CA ASN B 19 -23.93 6.73 28.72
C ASN B 19 -24.23 7.31 27.35
N VAL B 20 -24.39 8.63 27.25
CA VAL B 20 -24.62 9.27 25.95
C VAL B 20 -23.39 9.11 25.06
N VAL B 21 -22.21 9.39 25.61
CA VAL B 21 -20.97 9.25 24.83
C VAL B 21 -20.74 7.79 24.47
N LYS B 22 -21.02 6.87 25.40
CA LYS B 22 -20.81 5.45 25.14
C LYS B 22 -21.70 4.95 24.00
N LYS B 23 -22.96 5.39 23.97
CA LYS B 23 -23.84 5.01 22.87
C LYS B 23 -23.39 5.65 21.56
N THR B 24 -22.84 6.86 21.62
CA THR B 24 -22.31 7.49 20.42
C THR B 24 -21.10 6.72 19.89
N LEU B 25 -20.20 6.33 20.79
CA LEU B 25 -19.01 5.60 20.38
C LEU B 25 -19.36 4.20 19.86
N ILE B 26 -20.32 3.54 20.50
CA ILE B 26 -20.81 2.25 20.02
C ILE B 26 -21.28 2.38 18.58
N THR B 27 -22.07 3.42 18.31
CA THR B 27 -22.58 3.64 16.96
C THR B 27 -21.45 3.86 15.96
N PHE B 28 -20.45 4.65 16.35
CA PHE B 28 -19.39 5.03 15.42
C PHE B 28 -18.51 3.83 15.06
N VAL B 29 -18.15 3.00 16.04
CA VAL B 29 -17.28 1.88 15.73
C VAL B 29 -18.00 0.83 14.91
N ASN B 30 -19.31 0.69 15.11
CA ASN B 30 -20.07 -0.27 14.31
C ASN B 30 -20.25 0.20 12.87
N LYS B 31 -20.30 1.52 12.65
CA LYS B 31 -20.35 2.04 11.28
C LYS B 31 -19.27 1.40 10.41
N HIS B 32 -18.11 1.16 11.00
CA HIS B 32 -16.96 0.66 10.26
C HIS B 32 -16.75 -0.84 10.42
N LEU B 33 -16.80 -1.35 11.65
CA LEU B 33 -16.51 -2.76 11.86
C LEU B 33 -17.58 -3.67 11.25
N ASN B 34 -18.82 -3.20 11.11
CA ASN B 34 -19.83 -4.01 10.45
C ASN B 34 -19.44 -4.37 9.02
N LYS B 35 -18.57 -3.59 8.38
CA LYS B 35 -18.14 -3.90 7.02
C LYS B 35 -17.33 -5.19 6.96
N LEU B 36 -16.76 -5.63 8.07
CA LEU B 36 -16.06 -6.89 8.18
C LEU B 36 -16.92 -7.99 8.81
N ASN B 37 -18.23 -7.75 8.89
CA ASN B 37 -19.17 -8.65 9.57
C ASN B 37 -18.83 -8.80 11.05
N LEU B 38 -18.39 -7.71 11.68
CA LEU B 38 -18.09 -7.68 13.11
C LEU B 38 -19.00 -6.67 13.81
N GLU B 39 -19.47 -7.03 15.00
CA GLU B 39 -20.41 -6.21 15.76
C GLU B 39 -19.86 -5.97 17.16
N VAL B 40 -19.97 -4.73 17.63
CA VAL B 40 -19.57 -4.36 18.99
C VAL B 40 -20.83 -4.03 19.78
N THR B 41 -21.02 -4.72 20.90
CA THR B 41 -22.11 -4.42 21.81
C THR B 41 -21.66 -3.93 23.17
N GLU B 42 -20.37 -4.02 23.48
CA GLU B 42 -19.87 -3.74 24.83
C GLU B 42 -18.48 -3.13 24.71
N LEU B 43 -18.35 -1.85 25.04
CA LEU B 43 -17.05 -1.18 25.02
C LEU B 43 -16.14 -1.59 26.17
N GLU B 44 -16.68 -2.28 27.18
CA GLU B 44 -15.87 -2.59 28.34
C GLU B 44 -14.82 -3.65 28.04
N THR B 45 -15.09 -4.55 27.08
CA THR B 45 -14.21 -5.69 26.87
C THR B 45 -13.80 -5.89 25.41
N GLN B 46 -14.63 -5.45 24.47
CA GLN B 46 -14.45 -5.88 23.09
C GLN B 46 -13.29 -5.19 22.38
N PHE B 47 -12.64 -4.19 22.97
CA PHE B 47 -11.42 -3.63 22.41
C PHE B 47 -10.18 -4.01 23.20
N ALA B 48 -10.33 -4.80 24.26
CA ALA B 48 -9.24 -5.06 25.16
C ALA B 48 -8.11 -5.86 24.52
N ASP B 49 -8.41 -6.73 23.55
CA ASP B 49 -7.34 -7.55 22.98
C ASP B 49 -6.66 -6.89 21.78
N GLY B 50 -7.01 -5.65 21.45
CA GLY B 50 -6.31 -4.88 20.43
C GLY B 50 -6.74 -5.15 19.01
N VAL B 51 -7.44 -6.26 18.74
CA VAL B 51 -7.74 -6.66 17.36
C VAL B 51 -8.66 -5.65 16.70
N TYR B 52 -9.76 -5.28 17.37
CA TYR B 52 -10.71 -4.39 16.72
C TYR B 52 -10.15 -2.98 16.56
N LEU B 53 -9.25 -2.55 17.45
CA LEU B 53 -8.58 -1.26 17.26
C LEU B 53 -7.74 -1.26 15.99
N VAL B 54 -7.00 -2.35 15.74
CA VAL B 54 -6.18 -2.43 14.54
C VAL B 54 -7.07 -2.41 13.30
N LEU B 55 -8.10 -3.25 13.29
CA LEU B 55 -9.01 -3.32 12.15
C LEU B 55 -9.72 -1.98 11.95
N LEU B 56 -10.10 -1.32 13.04
CA LEU B 56 -10.74 -0.02 12.95
C LEU B 56 -9.84 1.02 12.30
N MET B 57 -8.57 1.10 12.73
CA MET B 57 -7.67 2.08 12.12
C MET B 57 -7.53 1.89 10.61
N GLY B 58 -7.46 0.65 10.15
CA GLY B 58 -7.38 0.43 8.70
C GLY B 58 -8.67 0.85 8.00
N LEU B 59 -9.82 0.60 8.63
CA LEU B 59 -11.08 1.06 8.04
C LEU B 59 -11.16 2.58 8.01
N LEU B 60 -10.63 3.25 9.03
CA LEU B 60 -10.74 4.70 9.14
C LEU B 60 -9.72 5.42 8.26
N GLU B 61 -8.55 4.84 8.06
CA GLU B 61 -7.47 5.52 7.35
C GLU B 61 -7.20 4.91 5.98
N GLY B 62 -7.95 3.90 5.58
CA GLY B 62 -7.93 3.44 4.20
C GLY B 62 -6.85 2.45 3.83
N TYR B 63 -6.48 1.55 4.73
CA TYR B 63 -5.50 0.52 4.41
C TYR B 63 -5.92 -0.81 5.02
N PHE B 64 -5.32 -1.87 4.48
CA PHE B 64 -5.34 -3.20 5.07
C PHE B 64 -4.11 -3.37 5.95
N VAL B 65 -4.25 -4.11 7.03
CA VAL B 65 -3.11 -4.40 7.90
C VAL B 65 -2.72 -5.86 7.65
N PRO B 66 -1.55 -6.13 7.07
CA PRO B 66 -1.15 -7.51 6.84
C PRO B 66 -1.20 -8.32 8.13
N LEU B 67 -1.69 -9.56 8.02
CA LEU B 67 -1.98 -10.33 9.23
C LEU B 67 -0.72 -10.75 9.97
N HIS B 68 0.44 -10.72 9.33
CA HIS B 68 1.68 -11.00 10.05
C HIS B 68 2.15 -9.83 10.89
N SER B 69 1.48 -8.68 10.82
CA SER B 69 1.91 -7.48 11.53
C SER B 69 1.31 -7.37 12.92
N PHE B 70 0.34 -8.21 13.24
CA PHE B 70 -0.28 -8.20 14.56
C PHE B 70 -0.84 -9.60 14.83
N PHE B 71 -1.45 -9.76 15.99
CA PHE B 71 -1.99 -11.06 16.40
C PHE B 71 -3.50 -11.03 16.24
N LEU B 72 -4.01 -11.64 15.17
CA LEU B 72 -5.43 -11.61 14.89
C LEU B 72 -6.22 -12.39 15.95
N THR B 73 -5.60 -13.41 16.54
CA THR B 73 -6.20 -14.20 17.61
C THR B 73 -5.20 -14.27 18.74
N PRO B 74 -5.07 -13.21 19.53
CA PRO B 74 -4.01 -13.18 20.56
C PRO B 74 -4.23 -14.26 21.61
N ASP B 75 -3.12 -14.91 22.01
CA ASP B 75 -3.21 -16.05 22.91
C ASP B 75 -2.54 -15.78 24.24
N SER B 76 -2.23 -14.52 24.55
CA SER B 76 -1.60 -14.16 25.81
C SER B 76 -1.83 -12.68 26.07
N PHE B 77 -1.71 -12.32 27.35
CA PHE B 77 -1.75 -10.92 27.74
C PHE B 77 -0.71 -10.11 26.96
N GLU B 78 0.48 -10.68 26.78
CA GLU B 78 1.57 -9.96 26.13
C GLU B 78 1.24 -9.69 24.65
N GLN B 79 0.62 -10.64 23.96
CA GLN B 79 0.22 -10.41 22.57
C GLN B 79 -0.88 -9.36 22.48
N LYS B 80 -1.79 -9.31 23.45
CA LYS B 80 -2.80 -8.26 23.46
C LYS B 80 -2.17 -6.89 23.68
N VAL B 81 -1.19 -6.81 24.57
CA VAL B 81 -0.48 -5.55 24.77
C VAL B 81 0.22 -5.14 23.48
N LEU B 82 0.86 -6.09 22.79
CA LEU B 82 1.53 -5.78 21.52
C LEU B 82 0.53 -5.31 20.47
N ASN B 83 -0.65 -5.92 20.41
CA ASN B 83 -1.68 -5.46 19.48
C ASN B 83 -2.08 -4.02 19.79
N VAL B 84 -2.34 -3.72 21.07
CA VAL B 84 -2.76 -2.38 21.43
C VAL B 84 -1.64 -1.38 21.15
N SER B 85 -0.39 -1.76 21.45
CA SER B 85 0.74 -0.89 21.19
C SER B 85 0.89 -0.62 19.70
N PHE B 86 0.69 -1.65 18.88
CA PHE B 86 0.74 -1.48 17.43
C PHE B 86 -0.38 -0.57 16.94
N ALA B 87 -1.59 -0.76 17.47
CA ALA B 87 -2.70 0.12 17.11
C ALA B 87 -2.39 1.56 17.48
N PHE B 88 -1.74 1.77 18.64
CA PHE B 88 -1.35 3.12 19.02
C PHE B 88 -0.36 3.70 18.02
N GLU B 89 0.56 2.86 17.52
CA GLU B 89 1.47 3.33 16.48
C GLU B 89 0.73 3.74 15.22
N LEU B 90 -0.27 2.95 14.79
CA LEU B 90 -1.07 3.32 13.63
C LEU B 90 -1.80 4.64 13.88
N MET B 91 -2.24 4.84 15.12
CA MET B 91 -2.87 6.08 15.51
C MET B 91 -1.95 7.26 15.29
N GLN B 92 -0.69 7.15 15.74
CA GLN B 92 0.26 8.24 15.55
C GLN B 92 0.63 8.40 14.08
N ASP B 93 0.69 7.30 13.33
CA ASP B 93 0.94 7.37 11.88
C ASP B 93 -0.10 8.26 11.22
N GLY B 94 -1.36 8.17 11.66
CA GLY B 94 -2.47 8.93 11.13
C GLY B 94 -2.58 10.36 11.63
N GLY B 95 -1.69 10.80 12.52
CA GLY B 95 -1.65 12.18 12.94
C GLY B 95 -2.05 12.43 14.38
N LEU B 96 -2.78 11.51 15.02
CA LEU B 96 -3.11 11.69 16.42
C LEU B 96 -1.83 11.71 17.26
N GLU B 97 -1.85 12.48 18.35
CA GLU B 97 -0.71 12.45 19.24
C GLU B 97 -0.70 11.16 20.04
N LYS B 98 0.48 10.83 20.60
CA LYS B 98 0.65 9.63 21.41
C LYS B 98 -0.50 9.47 22.37
N PRO B 99 -1.20 8.33 22.35
CA PRO B 99 -2.32 8.13 23.27
C PRO B 99 -1.85 8.15 24.72
N LYS B 100 -2.69 8.71 25.59
CA LYS B 100 -2.34 8.82 27.00
C LYS B 100 -2.23 7.46 27.69
N PRO B 101 -3.20 6.55 27.59
CA PRO B 101 -3.11 5.30 28.36
C PRO B 101 -1.94 4.44 27.92
N ARG B 102 -1.44 3.66 28.87
CA ARG B 102 -0.50 2.60 28.54
C ARG B 102 -1.26 1.52 27.78
N PRO B 103 -0.57 0.72 26.97
CA PRO B 103 -1.24 -0.44 26.29
C PRO B 103 -1.97 -1.34 27.27
N GLU B 104 -1.32 -1.64 28.41
CA GLU B 104 -1.91 -2.51 29.43
C GLU B 104 -3.24 -1.97 29.95
N ASP B 105 -3.42 -0.65 29.97
CA ASP B 105 -4.68 -0.09 30.47
C ASP B 105 -5.86 -0.53 29.62
N ILE B 106 -5.67 -0.60 28.30
CA ILE B 106 -6.73 -1.09 27.43
C ILE B 106 -6.96 -2.58 27.64
N VAL B 107 -5.88 -3.35 27.75
CA VAL B 107 -6.02 -4.79 27.88
C VAL B 107 -6.70 -5.16 29.19
N ASN B 108 -6.49 -4.35 30.24
CA ASN B 108 -7.10 -4.59 31.54
C ASN B 108 -8.52 -4.03 31.64
N CYS B 109 -9.10 -3.62 30.51
CA CYS B 109 -10.47 -3.11 30.45
C CYS B 109 -10.70 -1.94 31.40
N ASP B 110 -9.74 -1.03 31.47
CA ASP B 110 -9.97 0.23 32.15
C ASP B 110 -10.85 1.09 31.25
N LEU B 111 -12.11 1.28 31.66
CA LEU B 111 -13.07 1.91 30.78
C LEU B 111 -12.68 3.34 30.44
N LYS B 112 -12.06 4.07 31.37
CA LYS B 112 -11.65 5.43 31.06
C LYS B 112 -10.54 5.46 30.02
N SER B 113 -9.55 4.58 30.16
CA SER B 113 -8.52 4.46 29.13
C SER B 113 -9.13 4.05 27.79
N THR B 114 -10.07 3.11 27.80
CA THR B 114 -10.71 2.66 26.57
C THR B 114 -11.53 3.79 25.94
N LEU B 115 -12.34 4.46 26.75
CA LEU B 115 -13.24 5.48 26.24
C LEU B 115 -12.48 6.68 25.70
N ARG B 116 -11.33 7.02 26.32
CA ARG B 116 -10.53 8.13 25.84
C ARG B 116 -9.95 7.85 24.45
N VAL B 117 -9.41 6.64 24.28
CA VAL B 117 -8.83 6.27 22.98
C VAL B 117 -9.91 6.29 21.90
N LEU B 118 -11.08 5.72 22.19
CA LEU B 118 -12.14 5.69 21.19
C LEU B 118 -12.66 7.10 20.91
N TYR B 119 -12.79 7.93 21.94
CA TYR B 119 -13.34 9.26 21.73
C TYR B 119 -12.42 10.09 20.84
N ASN B 120 -11.10 9.93 21.01
CA ASN B 120 -10.16 10.64 20.15
C ASN B 120 -10.26 10.18 18.71
N LEU B 121 -10.48 8.87 18.50
CA LEU B 121 -10.77 8.39 17.15
C LEU B 121 -12.07 8.98 16.63
N PHE B 122 -13.08 9.11 17.50
CA PHE B 122 -14.34 9.68 17.07
C PHE B 122 -14.19 11.14 16.70
N THR B 123 -13.49 11.91 17.54
CA THR B 123 -13.30 13.34 17.28
C THR B 123 -12.65 13.57 15.92
N LYS B 124 -11.73 12.68 15.54
CA LYS B 124 -10.96 12.86 14.30
C LYS B 124 -11.70 12.35 13.08
N TYR B 125 -12.43 11.24 13.22
CA TYR B 125 -12.95 10.50 12.07
C TYR B 125 -14.47 10.51 12.00
N ARG B 126 -15.14 11.42 12.72
CA ARG B 126 -16.60 11.51 12.71
C ARG B 126 -17.20 11.27 11.34
N ASN B 127 -16.63 11.92 10.32
CA ASN B 127 -17.27 12.05 9.01
C ASN B 127 -16.74 11.07 7.97
N VAL B 128 -15.73 10.26 8.32
CA VAL B 128 -15.32 9.19 7.42
C VAL B 128 -16.50 8.26 7.19
N GLU B 129 -16.71 7.88 5.93
CA GLU B 129 -17.88 7.10 5.55
C GLU B 129 -17.55 5.63 5.27
CAO IRE C . -2.83 13.98 -10.20
CAL IRE C . -4.17 14.26 -9.50
OAU IRE C . -5.18 13.35 -9.88
CAM IRE C . -5.03 12.87 -11.16
CAP IRE C . -3.66 12.20 -11.39
NBE IRE C . -2.70 12.63 -10.48
CAN IRE C . -1.47 12.35 -10.90
CAJ IRE C . -0.43 12.67 -9.83
CAK IRE C . 0.93 12.15 -10.18
OAV IRE C . 1.04 12.17 -11.61
CBA IRE C . 2.27 11.70 -12.13
CAZ IRE C . 2.56 11.99 -13.44
CAH IRE C . 3.77 11.59 -14.03
OAT IRE C . 1.63 12.69 -14.16
CAA IRE C . 1.83 12.70 -15.52
CAI IRE C . 3.21 10.96 -11.32
C5 IRE C . 4.44 10.53 -11.92
C4 IRE C . 4.72 10.83 -13.22
N3 IRE C . 5.92 10.42 -13.78
C2 IRE C . 6.83 9.72 -13.05
N1 IRE C . 6.60 9.40 -11.79
C6 IRE C . 5.45 9.79 -11.19
NAS IRE C . 5.17 9.43 -9.83
CAY IRE C . 6.14 9.16 -8.78
CAG IRE C . 7.37 9.82 -8.80
CAX IRE C . 8.25 9.56 -7.72
CL IRE C . 9.78 10.36 -7.67
CAW IRE C . 7.89 8.68 -6.71
FAB IRE C . 8.79 8.48 -5.71
CAD IRE C . 6.67 8.02 -6.70
CAE IRE C . 5.76 8.27 -7.77
C1 B3P D . -2.59 -10.66 33.09
C2 B3P D . -3.47 -11.17 34.27
C3 B3P D . -1.39 -9.80 33.59
N1 B3P D . -0.47 -10.67 34.37
C4 B3P D . 0.88 -10.10 34.48
C5 B3P D . 0.85 -8.76 35.26
C6 B3P D . 1.47 -9.87 33.09
C7 B3P D . 1.74 -11.11 35.26
N2 B3P D . -3.91 -10.05 35.12
C8 B3P D . -5.29 -10.26 35.62
C9 B3P D . -6.25 -10.37 34.44
C10 B3P D . -5.69 -9.11 36.55
C11 B3P D . -5.38 -11.58 36.42
O1 B3P D . -6.16 -9.25 33.60
O2 B3P D . -6.94 -9.40 37.15
O3 B3P D . -4.38 -11.63 37.42
O4 B3P D . 0.76 -7.69 34.36
O5 B3P D . 1.51 -11.10 32.38
O6 B3P D . 3.08 -10.69 35.29
#